data_5E12
#
_entry.id   5E12
#
_cell.length_a   101.297
_cell.length_b   24.524
_cell.length_c   73.370
_cell.angle_alpha   90.000
_cell.angle_beta   89.350
_cell.angle_gamma   90.000
#
_symmetry.space_group_name_H-M   'P 1 21 1'
#
loop_
_entity.id
_entity.type
_entity.pdbx_description
1 polymer 'Serine/threonine-protein kinase PknB'
2 non-polymer 'CITRATE ANION'
3 water water
#
_entity_poly.entity_id   1
_entity_poly.type   'polypeptide(L)'
_entity_poly.pdbx_seq_one_letter_code
;GPEQREIPDVSTLTYAEAVKKLTAAGFGRFKQANSPSTPELVGKVIGTNPPANQTSAITNVVIIIVGSGPATKDIPDVAG
QTVDVAQKNLNVYGFTKFSQASVDSPRPAGEVTGTNPPAGTTVPVDSVIELQVSKGNQFVMPDLSGMFWVDAEPRLRALG
WTGMLDKGADVDAGGSQHNRVVYQNPPAGTGVNRDGIITLRFGQ
;
_entity_poly.pdbx_strand_id   A,B
#
# COMPACT_ATOMS: atom_id res chain seq x y z
N GLU A 3 -65.61 5.94 -4.15
CA GLU A 3 -65.14 7.00 -5.04
C GLU A 3 -63.66 6.84 -5.36
N GLN A 4 -63.32 7.08 -6.62
CA GLN A 4 -61.93 7.09 -7.03
C GLN A 4 -61.42 8.50 -6.71
N ARG A 5 -60.12 8.64 -6.44
CA ARG A 5 -59.50 9.97 -6.35
C ARG A 5 -58.00 9.98 -6.64
N GLU A 6 -57.55 11.08 -7.24
CA GLU A 6 -56.15 11.24 -7.61
C GLU A 6 -55.30 11.46 -6.37
N ILE A 7 -54.27 10.63 -6.23
CA ILE A 7 -53.39 10.71 -5.07
C ILE A 7 -52.54 11.98 -5.13
N PRO A 8 -52.60 12.81 -4.09
CA PRO A 8 -51.80 14.03 -3.99
C PRO A 8 -50.32 13.72 -3.79
N ASP A 9 -49.45 14.62 -4.24
CA ASP A 9 -48.02 14.44 -4.07
C ASP A 9 -47.60 14.83 -2.66
N VAL A 10 -47.04 13.87 -1.91
CA VAL A 10 -46.68 14.11 -0.52
C VAL A 10 -45.19 13.90 -0.28
N SER A 11 -44.41 13.90 -1.36
CA SER A 11 -42.97 13.76 -1.25
C SER A 11 -42.35 14.93 -0.49
N THR A 12 -41.20 14.69 0.14
CA THR A 12 -40.47 15.65 0.97
C THR A 12 -41.16 15.99 2.29
N LEU A 13 -42.41 15.57 2.45
CA LEU A 13 -43.13 15.80 3.70
C LEU A 13 -42.77 14.75 4.75
N THR A 14 -43.06 15.05 6.01
CA THR A 14 -42.95 14.06 7.06
C THR A 14 -44.09 13.06 6.92
N TYR A 15 -43.97 11.91 7.58
CA TYR A 15 -45.00 10.88 7.50
C TYR A 15 -46.35 11.40 7.99
N ALA A 16 -46.33 12.09 9.13
CA ALA A 16 -47.56 12.62 9.71
C ALA A 16 -48.25 13.60 8.77
N GLU A 17 -47.49 14.57 8.25
CA GLU A 17 -48.05 15.60 7.39
C GLU A 17 -48.49 15.03 6.06
N ALA A 18 -47.85 13.95 5.62
CA ALA A 18 -48.24 13.26 4.41
C ALA A 18 -49.60 12.59 4.60
N VAL A 19 -49.79 11.99 5.77
CA VAL A 19 -51.05 11.36 6.13
C VAL A 19 -52.18 12.39 6.12
N LYS A 20 -51.92 13.56 6.69
CA LYS A 20 -52.93 14.61 6.76
C LYS A 20 -53.39 15.06 5.38
N LYS A 21 -52.44 15.22 4.46
CA LYS A 21 -52.75 15.66 3.11
C LYS A 21 -53.51 14.56 2.36
N LEU A 22 -53.08 13.32 2.53
CA LEU A 22 -53.77 12.18 1.93
C LEU A 22 -55.17 12.03 2.51
N THR A 23 -55.31 12.31 3.80
CA THR A 23 -56.60 12.25 4.48
C THR A 23 -57.54 13.32 3.95
N ALA A 24 -57.00 14.53 3.76
CA ALA A 24 -57.78 15.63 3.22
C ALA A 24 -58.28 15.30 1.82
N ALA A 25 -57.53 14.45 1.12
CA ALA A 25 -57.92 14.00 -0.21
C ALA A 25 -58.93 12.85 -0.12
N GLY A 26 -59.22 12.38 1.08
CA GLY A 26 -60.25 11.40 1.28
C GLY A 26 -59.78 9.97 1.53
N PHE A 27 -58.46 9.78 1.58
CA PHE A 27 -57.91 8.46 1.88
C PHE A 27 -57.84 8.27 3.39
N GLY A 28 -57.70 7.03 3.84
CA GLY A 28 -57.74 6.74 5.27
C GLY A 28 -56.90 5.57 5.75
N ARG A 29 -56.41 4.76 4.82
CA ARG A 29 -55.62 3.58 5.20
C ARG A 29 -54.21 3.66 4.62
N PHE A 30 -53.22 3.72 5.51
CA PHE A 30 -51.83 3.93 5.11
C PHE A 30 -50.87 2.94 5.75
N LYS A 31 -49.74 2.72 5.08
CA LYS A 31 -48.64 1.92 5.61
C LYS A 31 -47.32 2.62 5.33
N GLN A 32 -46.34 2.43 6.21
CA GLN A 32 -45.03 2.99 5.97
C GLN A 32 -44.06 1.94 5.45
N ALA A 33 -43.41 2.26 4.33
CA ALA A 33 -42.29 1.46 3.83
C ALA A 33 -41.03 2.32 3.88
N ASN A 34 -39.87 1.69 3.88
CA ASN A 34 -38.62 2.43 3.98
C ASN A 34 -37.68 2.17 2.81
N SER A 35 -37.04 3.24 2.35
CA SER A 35 -36.11 3.18 1.23
C SER A 35 -34.88 4.04 1.50
N PRO A 36 -33.72 3.64 0.98
CA PRO A 36 -32.53 4.48 1.07
C PRO A 36 -32.73 5.77 0.30
N SER A 37 -32.17 6.87 0.78
CA SER A 37 -32.39 8.16 0.15
C SER A 37 -31.22 9.11 0.36
N THR A 38 -31.38 10.35 -0.10
CA THR A 38 -30.41 11.40 0.15
C THR A 38 -30.46 11.79 1.63
N PRO A 39 -29.36 12.36 2.16
CA PRO A 39 -29.30 12.73 3.57
C PRO A 39 -30.40 13.71 4.00
N GLU A 40 -30.87 14.54 3.07
CA GLU A 40 -31.90 15.54 3.40
C GLU A 40 -33.27 14.88 3.56
N LEU A 41 -33.49 13.79 2.85
CA LEU A 41 -34.78 13.13 2.84
C LEU A 41 -34.90 12.02 3.89
N VAL A 42 -34.02 12.05 4.89
CA VAL A 42 -34.12 11.11 5.99
C VAL A 42 -35.34 11.44 6.84
N GLY A 43 -36.18 10.43 7.07
CA GLY A 43 -37.40 10.62 7.84
C GLY A 43 -38.45 11.38 7.03
N LYS A 44 -38.21 11.48 5.72
CA LYS A 44 -39.10 12.21 4.84
C LYS A 44 -39.69 11.27 3.77
N VAL A 45 -40.86 11.64 3.27
CA VAL A 45 -41.52 10.86 2.24
C VAL A 45 -40.83 11.09 0.91
N ILE A 46 -40.50 10.00 0.20
CA ILE A 46 -39.85 10.10 -1.10
C ILE A 46 -40.85 9.76 -2.21
N GLY A 47 -41.96 9.14 -1.83
CA GLY A 47 -42.98 8.76 -2.79
C GLY A 47 -44.04 7.87 -2.17
N THR A 48 -45.01 7.45 -2.98
CA THR A 48 -46.08 6.58 -2.50
C THR A 48 -46.41 5.48 -3.50
N ASN A 49 -47.22 4.53 -3.06
CA ASN A 49 -47.79 3.51 -3.95
C ASN A 49 -49.27 3.31 -3.65
N PRO A 50 -50.14 3.65 -4.62
CA PRO A 50 -49.88 4.20 -5.96
C PRO A 50 -49.16 5.54 -5.92
N PRO A 51 -48.33 5.84 -6.93
CA PRO A 51 -47.48 7.03 -6.94
C PRO A 51 -48.28 8.33 -6.98
N ALA A 52 -47.59 9.45 -6.83
CA ALA A 52 -48.23 10.75 -6.91
C ALA A 52 -48.95 10.93 -8.24
N ASN A 53 -50.10 11.60 -8.20
CA ASN A 53 -50.92 11.90 -9.38
C ASN A 53 -51.53 10.66 -10.04
N GLN A 54 -51.44 9.51 -9.38
CA GLN A 54 -52.11 8.31 -9.85
C GLN A 54 -53.48 8.21 -9.20
N THR A 55 -54.53 8.03 -10.01
CA THR A 55 -55.87 7.90 -9.49
C THR A 55 -56.06 6.52 -8.83
N SER A 56 -56.82 6.49 -7.74
CA SER A 56 -57.00 5.26 -6.97
C SER A 56 -58.22 5.31 -6.07
N ALA A 57 -58.68 4.12 -5.66
CA ALA A 57 -59.80 4.01 -4.72
C ALA A 57 -59.35 4.42 -3.32
N ILE A 58 -60.25 5.06 -2.59
CA ILE A 58 -59.92 5.53 -1.24
C ILE A 58 -60.10 4.42 -0.20
N THR A 59 -60.65 3.29 -0.62
CA THR A 59 -60.80 2.14 0.26
C THR A 59 -59.52 1.29 0.24
N ASN A 60 -58.64 1.59 -0.70
CA ASN A 60 -57.37 0.87 -0.80
C ASN A 60 -56.27 1.50 0.03
N VAL A 61 -55.26 0.70 0.38
CA VAL A 61 -54.13 1.17 1.15
C VAL A 61 -53.23 2.07 0.31
N VAL A 62 -52.72 3.13 0.93
CA VAL A 62 -51.71 3.96 0.30
C VAL A 62 -50.38 3.80 1.02
N ILE A 63 -49.42 3.17 0.33
CA ILE A 63 -48.10 2.95 0.90
C ILE A 63 -47.31 4.26 0.93
N ILE A 64 -46.91 4.68 2.13
CA ILE A 64 -46.12 5.89 2.27
C ILE A 64 -44.66 5.54 2.50
N ILE A 65 -43.83 5.80 1.49
CA ILE A 65 -42.43 5.39 1.52
C ILE A 65 -41.54 6.47 2.11
N VAL A 66 -40.84 6.13 3.19
CA VAL A 66 -40.04 7.09 3.94
C VAL A 66 -38.54 6.82 3.78
N GLY A 67 -37.79 7.87 3.47
CA GLY A 67 -36.35 7.76 3.30
C GLY A 67 -35.62 7.41 4.59
N SER A 68 -34.55 6.62 4.46
CA SER A 68 -33.76 6.20 5.60
C SER A 68 -32.31 6.66 5.49
N GLY A 69 -32.03 7.44 4.46
CA GLY A 69 -30.68 7.94 4.23
C GLY A 69 -29.85 7.02 3.37
N PRO A 70 -28.62 7.46 3.02
CA PRO A 70 -27.71 6.73 2.13
C PRO A 70 -27.46 5.30 2.60
N ALA A 71 -27.22 4.40 1.66
CA ALA A 71 -26.85 3.04 2.00
C ALA A 71 -25.54 3.05 2.77
N THR A 72 -25.48 2.27 3.84
CA THR A 72 -24.30 2.25 4.69
C THR A 72 -23.73 0.84 4.82
N LYS A 73 -22.52 0.76 5.35
CA LYS A 73 -21.85 -0.52 5.56
C LYS A 73 -20.77 -0.39 6.62
N ASP A 74 -20.56 -1.47 7.38
CA ASP A 74 -19.48 -1.50 8.35
C ASP A 74 -18.15 -1.60 7.63
N ILE A 75 -17.22 -0.72 7.98
CA ILE A 75 -15.87 -0.76 7.42
C ILE A 75 -15.16 -2.02 7.89
N PRO A 76 -14.76 -2.88 6.95
CA PRO A 76 -14.05 -4.12 7.28
C PRO A 76 -12.64 -3.83 7.80
N ASP A 77 -12.08 -4.77 8.54
CA ASP A 77 -10.70 -4.65 9.00
C ASP A 77 -9.75 -5.07 7.90
N VAL A 78 -8.82 -4.17 7.55
CA VAL A 78 -7.87 -4.44 6.49
C VAL A 78 -6.43 -4.27 6.97
N ALA A 79 -6.25 -4.29 8.29
CA ALA A 79 -4.93 -4.15 8.88
C ALA A 79 -4.01 -5.31 8.48
N GLY A 80 -2.77 -4.99 8.14
CA GLY A 80 -1.82 -5.99 7.71
C GLY A 80 -1.81 -6.20 6.22
N GLN A 81 -2.90 -5.80 5.56
CA GLN A 81 -2.99 -5.92 4.11
C GLN A 81 -2.26 -4.76 3.43
N THR A 82 -1.65 -5.04 2.28
CA THR A 82 -1.04 -3.99 1.48
C THR A 82 -2.14 -3.03 1.01
N VAL A 83 -1.75 -1.82 0.63
CA VAL A 83 -2.70 -0.82 0.16
C VAL A 83 -3.48 -1.33 -1.04
N ASP A 84 -2.78 -2.00 -1.94
CA ASP A 84 -3.39 -2.57 -3.15
C ASP A 84 -4.47 -3.59 -2.81
N VAL A 85 -4.14 -4.51 -1.90
CA VAL A 85 -5.06 -5.56 -1.48
C VAL A 85 -6.22 -4.98 -0.67
N ALA A 86 -5.92 -4.03 0.20
CA ALA A 86 -6.92 -3.43 1.08
C ALA A 86 -8.00 -2.70 0.31
N GLN A 87 -7.59 -1.92 -0.70
CA GLN A 87 -8.52 -1.14 -1.50
C GLN A 87 -9.46 -2.03 -2.32
N LYS A 88 -8.92 -3.12 -2.86
CA LYS A 88 -9.72 -4.06 -3.63
C LYS A 88 -10.71 -4.79 -2.73
N ASN A 89 -10.29 -5.06 -1.51
CA ASN A 89 -11.18 -5.68 -0.53
C ASN A 89 -12.22 -4.69 -0.05
N LEU A 90 -11.87 -3.41 -0.06
CA LEU A 90 -12.82 -2.36 0.29
C LEU A 90 -13.76 -2.09 -0.87
N ASN A 91 -13.32 -2.42 -2.08
CA ASN A 91 -14.15 -2.26 -3.27
C ASN A 91 -15.34 -3.21 -3.28
N VAL A 92 -15.16 -4.41 -2.74
CA VAL A 92 -16.21 -5.42 -2.74
C VAL A 92 -17.36 -5.01 -1.83
N TYR A 93 -17.09 -4.12 -0.89
CA TYR A 93 -18.13 -3.57 -0.02
C TYR A 93 -18.79 -2.36 -0.68
N GLY A 94 -18.15 -1.82 -1.69
CA GLY A 94 -18.72 -0.70 -2.43
C GLY A 94 -17.91 0.58 -2.31
N PHE A 95 -16.95 0.61 -1.39
CA PHE A 95 -16.11 1.78 -1.20
C PHE A 95 -15.15 1.95 -2.37
N THR A 96 -15.04 3.17 -2.88
CA THR A 96 -14.19 3.46 -4.02
C THR A 96 -13.34 4.71 -3.84
N LYS A 97 -13.60 5.45 -2.75
CA LYS A 97 -12.88 6.69 -2.50
C LYS A 97 -11.88 6.51 -1.36
N PHE A 98 -10.61 6.78 -1.64
CA PHE A 98 -9.56 6.54 -0.65
C PHE A 98 -8.54 7.67 -0.56
N SER A 99 -8.03 7.88 0.65
CA SER A 99 -6.92 8.79 0.89
C SER A 99 -5.88 8.07 1.76
N GLN A 100 -4.61 8.40 1.58
CA GLN A 100 -3.54 7.66 2.26
C GLN A 100 -2.54 8.57 2.97
N ALA A 101 -2.00 8.08 4.08
CA ALA A 101 -0.98 8.80 4.83
C ALA A 101 0.02 7.83 5.44
N SER A 102 1.30 8.20 5.40
CA SER A 102 2.36 7.35 5.93
C SER A 102 2.42 7.46 7.46
N VAL A 103 2.61 6.32 8.12
CA VAL A 103 2.72 6.30 9.58
C VAL A 103 3.92 5.47 10.02
N ASP A 104 4.53 5.87 11.14
CA ASP A 104 5.62 5.10 11.72
C ASP A 104 5.08 3.78 12.26
N SER A 105 5.67 2.67 11.82
CA SER A 105 5.15 1.36 12.17
C SER A 105 6.19 0.26 11.97
N PRO A 106 6.15 -0.77 12.83
CA PRO A 106 7.00 -1.95 12.68
C PRO A 106 6.49 -2.89 11.60
N ARG A 107 5.24 -2.71 11.18
CA ARG A 107 4.69 -3.48 10.07
C ARG A 107 5.48 -3.23 8.80
N PRO A 108 5.55 -4.22 7.90
CA PRO A 108 6.22 -4.07 6.61
C PRO A 108 5.72 -2.86 5.85
N ALA A 109 6.62 -2.15 5.18
CA ALA A 109 6.27 -0.94 4.42
C ALA A 109 5.20 -1.23 3.36
N GLY A 110 4.13 -0.44 3.38
CA GLY A 110 3.05 -0.61 2.43
C GLY A 110 1.81 -1.21 3.05
N GLU A 111 1.96 -1.86 4.20
CA GLU A 111 0.82 -2.48 4.88
C GLU A 111 -0.01 -1.45 5.64
N VAL A 112 -1.33 -1.59 5.55
CA VAL A 112 -2.25 -0.72 6.27
C VAL A 112 -2.24 -1.06 7.75
N THR A 113 -2.09 -0.04 8.59
CA THR A 113 -2.09 -0.24 10.04
C THR A 113 -3.49 -0.07 10.60
N GLY A 114 -4.31 0.71 9.90
CA GLY A 114 -5.67 0.98 10.31
C GLY A 114 -6.29 2.01 9.40
N THR A 115 -7.58 2.29 9.58
CA THR A 115 -8.27 3.24 8.73
C THR A 115 -8.94 4.36 9.52
N ASN A 116 -9.29 5.44 8.82
CA ASN A 116 -10.07 6.52 9.39
C ASN A 116 -11.22 6.88 8.46
N PRO A 117 -12.47 6.63 8.90
CA PRO A 117 -12.90 6.03 10.17
C PRO A 117 -12.45 4.59 10.34
N PRO A 118 -12.25 4.14 11.60
CA PRO A 118 -11.71 2.81 11.88
C PRO A 118 -12.63 1.67 11.49
N ALA A 119 -12.08 0.47 11.42
CA ALA A 119 -12.87 -0.72 11.12
C ALA A 119 -13.98 -0.89 12.14
N GLY A 120 -15.14 -1.33 11.69
CA GLY A 120 -16.28 -1.50 12.58
C GLY A 120 -17.19 -0.30 12.58
N THR A 121 -16.74 0.80 11.98
CA THR A 121 -17.56 2.01 11.87
C THR A 121 -18.56 1.87 10.72
N THR A 122 -19.79 2.28 10.97
CA THR A 122 -20.80 2.33 9.91
C THR A 122 -20.74 3.67 9.19
N VAL A 123 -20.45 3.62 7.89
CA VAL A 123 -20.35 4.82 7.08
C VAL A 123 -21.11 4.64 5.77
N PRO A 124 -21.50 5.74 5.13
CA PRO A 124 -22.11 5.66 3.79
C PRO A 124 -21.16 5.01 2.79
N VAL A 125 -21.72 4.34 1.79
CA VAL A 125 -20.91 3.66 0.77
C VAL A 125 -20.11 4.66 -0.04
N ASP A 126 -20.68 5.83 -0.30
CA ASP A 126 -20.04 6.84 -1.14
C ASP A 126 -19.07 7.73 -0.37
N SER A 127 -18.77 7.35 0.87
CA SER A 127 -17.91 8.17 1.72
C SER A 127 -16.43 7.84 1.50
N VAL A 128 -15.57 8.76 1.90
CA VAL A 128 -14.12 8.58 1.75
C VAL A 128 -13.54 7.84 2.93
N ILE A 129 -12.69 6.84 2.65
CA ILE A 129 -12.00 6.10 3.70
C ILE A 129 -10.50 6.37 3.64
N GLU A 130 -9.95 6.88 4.74
CA GLU A 130 -8.54 7.19 4.82
C GLU A 130 -7.73 5.99 5.30
N LEU A 131 -6.61 5.73 4.65
CA LEU A 131 -5.77 4.58 4.99
C LEU A 131 -4.45 5.01 5.63
N GLN A 132 -4.12 4.42 6.77
CA GLN A 132 -2.84 4.66 7.40
C GLN A 132 -1.84 3.59 6.94
N VAL A 133 -0.79 4.03 6.26
CA VAL A 133 0.14 3.11 5.62
C VAL A 133 1.50 3.09 6.31
N SER A 134 1.94 1.91 6.71
CA SER A 134 3.20 1.73 7.41
C SER A 134 4.40 2.18 6.57
N LYS A 135 5.35 2.85 7.21
CA LYS A 135 6.60 3.23 6.58
C LYS A 135 7.59 2.06 6.58
N GLY A 136 7.33 1.09 7.45
CA GLY A 136 8.24 -0.02 7.63
C GLY A 136 9.58 0.45 8.19
N ASN A 137 9.52 1.49 9.01
CA ASN A 137 10.72 2.14 9.52
C ASN A 137 10.99 1.81 10.98
N GLN A 138 10.17 0.93 11.56
CA GLN A 138 10.31 0.60 12.97
C GLN A 138 10.53 -0.90 13.22
N PHE A 139 11.04 -1.21 14.40
CA PHE A 139 11.07 -2.59 14.88
C PHE A 139 10.55 -2.61 16.32
N VAL A 140 10.10 -3.77 16.77
CA VAL A 140 9.60 -3.91 18.13
C VAL A 140 10.75 -4.12 19.11
N MET A 141 10.85 -3.24 20.10
CA MET A 141 11.92 -3.31 21.09
C MET A 141 11.81 -4.57 21.95
N PRO A 142 12.87 -5.40 21.93
CA PRO A 142 12.92 -6.61 22.74
C PRO A 142 13.34 -6.33 24.18
N ASP A 143 13.13 -7.30 25.07
CA ASP A 143 13.61 -7.19 26.44
C ASP A 143 15.07 -7.64 26.49
N LEU A 144 15.96 -6.70 26.82
CA LEU A 144 17.39 -6.96 26.80
C LEU A 144 17.97 -7.26 28.18
N SER A 145 17.10 -7.41 29.17
CA SER A 145 17.53 -7.63 30.55
C SER A 145 18.44 -8.85 30.70
N GLY A 146 19.56 -8.66 31.39
CA GLY A 146 20.48 -9.74 31.69
C GLY A 146 21.33 -10.21 30.53
N MET A 147 21.28 -9.49 29.41
CA MET A 147 22.04 -9.88 28.23
C MET A 147 23.42 -9.22 28.17
N PHE A 148 24.37 -9.93 27.57
CA PHE A 148 25.68 -9.35 27.28
C PHE A 148 25.61 -8.65 25.92
N TRP A 149 26.42 -7.61 25.75
CA TRP A 149 26.34 -6.77 24.55
C TRP A 149 26.72 -7.52 23.28
N VAL A 150 27.59 -8.53 23.40
CA VAL A 150 28.00 -9.31 22.25
C VAL A 150 26.84 -10.18 21.74
N ASP A 151 25.83 -10.37 22.57
CA ASP A 151 24.63 -11.11 22.17
C ASP A 151 23.49 -10.14 21.90
N ALA A 152 23.51 -9.01 22.59
CA ALA A 152 22.43 -8.02 22.50
C ALA A 152 22.45 -7.30 21.15
N GLU A 153 23.63 -6.86 20.72
CA GLU A 153 23.76 -6.10 19.48
C GLU A 153 23.34 -6.88 18.22
N PRO A 154 23.81 -8.13 18.04
CA PRO A 154 23.37 -8.83 16.83
C PRO A 154 21.87 -9.13 16.82
N ARG A 155 21.28 -9.27 18.01
CA ARG A 155 19.84 -9.49 18.11
C ARG A 155 19.09 -8.25 17.63
N LEU A 156 19.64 -7.08 17.93
CA LEU A 156 19.04 -5.82 17.50
C LEU A 156 19.25 -5.57 16.02
N ARG A 157 20.46 -5.84 15.53
CA ARG A 157 20.77 -5.69 14.10
C ARG A 157 19.86 -6.55 13.24
N ALA A 158 19.55 -7.74 13.75
CA ALA A 158 18.68 -8.67 13.03
C ALA A 158 17.25 -8.17 12.98
N LEU A 159 16.86 -7.37 13.96
CA LEU A 159 15.52 -6.80 14.01
C LEU A 159 15.39 -5.61 13.06
N GLY A 160 16.53 -5.15 12.55
CA GLY A 160 16.55 -4.05 11.60
C GLY A 160 17.15 -2.78 12.16
N TRP A 161 17.65 -2.85 13.39
CA TRP A 161 18.22 -1.68 14.05
C TRP A 161 19.55 -1.27 13.43
N THR A 162 19.60 -0.03 12.94
CA THR A 162 20.81 0.51 12.33
C THR A 162 21.31 1.70 13.13
N GLY A 163 20.68 1.94 14.29
CA GLY A 163 20.98 3.09 15.11
C GLY A 163 22.26 2.97 15.92
N MET A 164 22.40 3.86 16.90
CA MET A 164 23.62 3.94 17.70
C MET A 164 23.36 3.65 19.17
N LEU A 165 24.29 2.96 19.81
CA LEU A 165 24.21 2.68 21.24
C LEU A 165 24.63 3.87 22.08
N ASP A 166 23.78 4.25 23.03
CA ASP A 166 24.13 5.27 24.01
C ASP A 166 24.34 4.60 25.36
N LYS A 167 25.56 4.17 25.63
CA LYS A 167 25.87 3.46 26.85
C LYS A 167 25.97 4.41 28.04
N GLY A 168 25.05 4.28 28.99
CA GLY A 168 25.09 5.08 30.19
C GLY A 168 26.10 4.54 31.16
N ALA A 169 26.26 5.20 32.30
CA ALA A 169 27.19 4.74 33.33
C ALA A 169 26.78 3.37 33.86
N ASP A 170 27.77 2.57 34.26
CA ASP A 170 27.50 1.25 34.79
C ASP A 170 26.69 1.32 36.08
N VAL A 171 25.87 0.31 36.34
CA VAL A 171 25.04 0.27 37.53
C VAL A 171 25.56 -0.74 38.54
N ASP A 172 25.76 -0.30 39.77
CA ASP A 172 26.18 -1.19 40.85
C ASP A 172 25.04 -2.13 41.23
N ALA A 173 25.02 -3.31 40.62
CA ALA A 173 23.90 -4.24 40.81
C ALA A 173 24.37 -5.64 41.21
N GLY A 174 25.63 -5.76 41.61
CA GLY A 174 26.17 -7.03 42.05
C GLY A 174 26.92 -7.79 40.98
N GLY A 175 27.70 -8.77 41.40
CA GLY A 175 28.53 -9.54 40.49
C GLY A 175 27.75 -10.37 39.49
N SER A 176 26.54 -10.75 39.85
CA SER A 176 25.69 -11.56 38.98
C SER A 176 25.18 -10.76 37.79
N GLN A 177 25.36 -9.44 37.84
CA GLN A 177 24.90 -8.55 36.77
C GLN A 177 26.07 -7.91 36.02
N HIS A 178 27.28 -8.39 36.31
CA HIS A 178 28.49 -7.90 35.65
C HIS A 178 28.38 -8.01 34.13
N ASN A 179 28.54 -6.88 33.45
CA ASN A 179 28.46 -6.78 31.99
C ASN A 179 27.07 -7.11 31.41
N ARG A 180 26.07 -7.23 32.27
CA ARG A 180 24.71 -7.50 31.83
C ARG A 180 23.86 -6.23 31.80
N VAL A 181 22.92 -6.17 30.87
CA VAL A 181 21.99 -5.05 30.80
C VAL A 181 21.08 -5.03 32.02
N VAL A 182 21.08 -3.91 32.74
CA VAL A 182 20.21 -3.74 33.90
C VAL A 182 19.03 -2.86 33.55
N TYR A 183 19.30 -1.73 32.89
CA TYR A 183 18.26 -0.80 32.49
C TYR A 183 18.36 -0.50 30.99
N GLN A 184 17.21 -0.35 30.35
CA GLN A 184 17.19 -0.11 28.90
C GLN A 184 16.19 0.97 28.51
N ASN A 185 16.43 1.60 27.36
CA ASN A 185 15.50 2.55 26.77
C ASN A 185 15.64 2.56 25.26
N PRO A 186 14.51 2.54 24.53
CA PRO A 186 13.13 2.55 25.02
C PRO A 186 12.68 1.21 25.60
N PRO A 187 11.58 1.20 26.38
CA PRO A 187 11.08 -0.02 27.01
C PRO A 187 10.77 -1.14 26.00
N ALA A 188 10.75 -2.38 26.49
CA ALA A 188 10.43 -3.51 25.64
C ALA A 188 8.97 -3.44 25.20
N GLY A 189 8.71 -3.78 23.94
CA GLY A 189 7.37 -3.79 23.41
C GLY A 189 7.02 -2.55 22.61
N THR A 190 7.78 -1.47 22.81
CA THR A 190 7.50 -0.22 22.12
C THR A 190 8.04 -0.24 20.69
N GLY A 191 7.40 0.51 19.81
CA GLY A 191 7.85 0.63 18.44
C GLY A 191 9.02 1.59 18.33
N VAL A 192 10.13 1.11 17.78
CA VAL A 192 11.35 1.91 17.72
C VAL A 192 11.81 2.13 16.29
N ASN A 193 12.07 3.38 15.95
CA ASN A 193 12.66 3.70 14.65
C ASN A 193 13.96 2.94 14.45
N ARG A 194 14.19 2.48 13.21
CA ARG A 194 15.36 1.67 12.90
C ARG A 194 16.67 2.41 13.20
N ASP A 195 16.67 3.72 13.01
CA ASP A 195 17.88 4.53 13.23
C ASP A 195 17.90 5.15 14.63
N GLY A 196 16.93 4.76 15.45
CA GLY A 196 16.79 5.33 16.79
C GLY A 196 17.93 5.00 17.72
N ILE A 197 18.10 5.83 18.75
CA ILE A 197 19.14 5.64 19.74
C ILE A 197 18.67 4.73 20.87
N ILE A 198 19.43 3.67 21.13
CA ILE A 198 19.11 2.77 22.24
C ILE A 198 20.05 3.02 23.41
N THR A 199 19.46 3.32 24.57
CA THR A 199 20.23 3.59 25.78
C THR A 199 20.29 2.36 26.69
N LEU A 200 21.50 1.96 27.03
CA LEU A 200 21.69 0.80 27.90
C LEU A 200 22.60 1.11 29.08
N ARG A 201 22.26 0.56 30.24
CA ARG A 201 23.09 0.68 31.43
C ARG A 201 23.44 -0.71 31.95
N PHE A 202 24.71 -1.07 31.81
CA PHE A 202 25.17 -2.39 32.19
C PHE A 202 25.60 -2.43 33.64
N GLY A 203 25.59 -3.63 34.20
CA GLY A 203 26.14 -3.85 35.52
C GLY A 203 27.66 -3.80 35.48
N GLN A 204 28.25 -3.31 36.57
CA GLN A 204 29.70 -3.17 36.67
C GLN A 204 30.38 -4.52 36.46
N GLU B 3 61.33 -14.39 4.45
CA GLU B 3 60.04 -15.05 4.47
C GLU B 3 58.89 -14.03 4.59
N GLN B 4 59.25 -12.76 4.60
CA GLN B 4 58.27 -11.68 4.61
C GLN B 4 58.40 -10.82 3.36
N ARG B 5 57.30 -10.68 2.62
CA ARG B 5 57.31 -9.89 1.39
C ARG B 5 56.16 -8.89 1.38
N GLU B 6 56.38 -7.76 0.69
CA GLU B 6 55.34 -6.76 0.55
C GLU B 6 54.33 -7.21 -0.52
N ILE B 7 53.06 -6.94 -0.27
CA ILE B 7 51.99 -7.37 -1.17
C ILE B 7 51.75 -6.34 -2.26
N PRO B 8 51.89 -6.75 -3.52
CA PRO B 8 51.68 -5.87 -4.68
C PRO B 8 50.21 -5.61 -4.95
N ASP B 9 49.91 -4.47 -5.58
CA ASP B 9 48.54 -4.13 -5.93
C ASP B 9 48.08 -4.95 -7.14
N VAL B 10 47.02 -5.73 -6.95
CA VAL B 10 46.49 -6.57 -8.02
C VAL B 10 45.08 -6.16 -8.39
N SER B 11 44.69 -4.95 -8.02
CA SER B 11 43.36 -4.44 -8.33
C SER B 11 43.17 -4.29 -9.84
N THR B 12 41.92 -4.33 -10.27
CA THR B 12 41.51 -4.21 -11.67
C THR B 12 41.95 -5.39 -12.56
N LEU B 13 42.66 -6.35 -11.99
CA LEU B 13 43.10 -7.51 -12.74
C LEU B 13 42.09 -8.65 -12.65
N THR B 14 42.21 -9.62 -13.55
CA THR B 14 41.44 -10.85 -13.44
C THR B 14 41.97 -11.65 -12.26
N TYR B 15 41.18 -12.61 -11.78
CA TYR B 15 41.59 -13.42 -10.63
C TYR B 15 42.87 -14.19 -10.94
N ALA B 16 42.96 -14.75 -12.14
CA ALA B 16 44.11 -15.55 -12.54
C ALA B 16 45.39 -14.71 -12.56
N GLU B 17 45.32 -13.53 -13.15
CA GLU B 17 46.49 -12.66 -13.25
C GLU B 17 46.89 -12.11 -11.89
N ALA B 18 45.90 -11.91 -11.01
CA ALA B 18 46.18 -11.49 -9.66
C ALA B 18 46.98 -12.58 -8.93
N VAL B 19 46.55 -13.82 -9.13
CA VAL B 19 47.25 -14.97 -8.57
C VAL B 19 48.69 -15.03 -9.06
N LYS B 20 48.87 -14.86 -10.37
CA LYS B 20 50.21 -14.90 -10.97
C LYS B 20 51.12 -13.81 -10.45
N LYS B 21 50.59 -12.60 -10.32
CA LYS B 21 51.37 -11.47 -9.84
C LYS B 21 51.76 -11.65 -8.37
N LEU B 22 50.83 -12.21 -7.60
CA LEU B 22 51.09 -12.50 -6.19
C LEU B 22 52.11 -13.64 -6.06
N THR B 23 52.00 -14.61 -6.96
CA THR B 23 52.93 -15.74 -6.99
C THR B 23 54.34 -15.27 -7.33
N ALA B 24 54.42 -14.35 -8.29
CA ALA B 24 55.70 -13.78 -8.69
C ALA B 24 56.37 -13.03 -7.54
N ALA B 25 55.55 -12.53 -6.61
CA ALA B 25 56.05 -11.82 -5.44
C ALA B 25 56.56 -12.79 -4.38
N GLY B 26 56.16 -14.05 -4.49
CA GLY B 26 56.64 -15.08 -3.58
C GLY B 26 55.56 -15.75 -2.75
N PHE B 27 54.31 -15.36 -2.99
CA PHE B 27 53.18 -15.95 -2.26
C PHE B 27 52.69 -17.20 -3.00
N GLY B 28 51.99 -18.08 -2.29
CA GLY B 28 51.57 -19.34 -2.86
C GLY B 28 50.20 -19.84 -2.47
N ARG B 29 49.66 -19.31 -1.38
CA ARG B 29 48.36 -19.75 -0.88
C ARG B 29 47.30 -18.66 -1.03
N PHE B 30 46.23 -18.97 -1.76
CA PHE B 30 45.23 -17.96 -2.09
C PHE B 30 43.80 -18.45 -1.87
N LYS B 31 42.92 -17.50 -1.56
CA LYS B 31 41.50 -17.78 -1.35
C LYS B 31 40.68 -16.64 -1.93
N GLN B 32 39.57 -16.97 -2.59
CA GLN B 32 38.74 -15.94 -3.21
C GLN B 32 37.60 -15.50 -2.31
N ALA B 33 37.37 -14.19 -2.28
CA ALA B 33 36.22 -13.62 -1.59
C ALA B 33 35.47 -12.68 -2.52
N ASN B 34 34.26 -12.29 -2.13
CA ASN B 34 33.48 -11.36 -2.93
C ASN B 34 33.05 -10.14 -2.11
N SER B 35 32.90 -9.01 -2.77
CA SER B 35 32.57 -7.76 -2.10
C SER B 35 32.00 -6.75 -3.09
N PRO B 36 31.11 -5.86 -2.61
CA PRO B 36 30.57 -4.77 -3.43
C PRO B 36 31.66 -3.95 -4.12
N SER B 37 31.38 -3.51 -5.33
CA SER B 37 32.34 -2.73 -6.10
C SER B 37 31.61 -1.79 -7.06
N THR B 38 32.38 -1.04 -7.84
CA THR B 38 31.82 -0.28 -8.94
C THR B 38 31.36 -1.28 -10.01
N PRO B 39 30.34 -0.91 -10.80
CA PRO B 39 29.85 -1.81 -11.87
C PRO B 39 30.92 -2.12 -12.91
N GLU B 40 32.03 -1.39 -12.87
CA GLU B 40 33.14 -1.58 -13.81
C GLU B 40 34.06 -2.70 -13.34
N LEU B 41 34.09 -2.91 -12.03
CA LEU B 41 35.01 -3.86 -11.42
C LEU B 41 34.33 -5.19 -11.11
N VAL B 42 33.18 -5.42 -11.73
CA VAL B 42 32.46 -6.67 -11.55
C VAL B 42 33.22 -7.82 -12.18
N GLY B 43 33.51 -8.84 -11.38
CA GLY B 43 34.26 -10.00 -11.86
C GLY B 43 35.75 -9.71 -11.90
N LYS B 44 36.14 -8.55 -11.39
CA LYS B 44 37.54 -8.14 -11.36
C LYS B 44 38.02 -8.06 -9.92
N VAL B 45 39.33 -8.16 -9.73
CA VAL B 45 39.93 -8.04 -8.41
C VAL B 45 39.95 -6.57 -7.97
N ILE B 46 39.47 -6.31 -6.75
CA ILE B 46 39.39 -4.95 -6.25
C ILE B 46 40.39 -4.71 -5.11
N GLY B 47 40.98 -5.78 -4.61
CA GLY B 47 41.96 -5.68 -3.54
C GLY B 47 42.27 -7.01 -2.88
N THR B 48 43.05 -6.97 -1.81
CA THR B 48 43.45 -8.19 -1.11
C THR B 48 43.37 -8.06 0.40
N ASN B 49 43.44 -9.20 1.08
CA ASN B 49 43.59 -9.24 2.52
C ASN B 49 44.68 -10.24 2.88
N PRO B 50 45.83 -9.76 3.36
CA PRO B 50 46.22 -8.37 3.62
C PRO B 50 46.28 -7.49 2.38
N PRO B 51 45.95 -6.20 2.51
CA PRO B 51 45.86 -5.25 1.40
C PRO B 51 47.21 -4.90 0.78
N ALA B 52 47.17 -4.20 -0.36
CA ALA B 52 48.38 -3.86 -1.10
C ALA B 52 49.35 -3.02 -0.28
N ASN B 53 50.63 -3.19 -0.57
CA ASN B 53 51.72 -2.45 0.07
C ASN B 53 51.81 -2.70 1.58
N GLN B 54 51.20 -3.78 2.04
CA GLN B 54 51.43 -4.30 3.38
C GLN B 54 52.39 -5.46 3.28
N THR B 55 53.11 -5.74 4.35
CA THR B 55 54.04 -6.86 4.36
C THR B 55 53.45 -8.06 5.09
N SER B 56 53.68 -9.24 4.53
CA SER B 56 53.11 -10.46 5.10
C SER B 56 54.04 -11.66 4.88
N ALA B 57 53.88 -12.67 5.72
CA ALA B 57 54.62 -13.92 5.54
C ALA B 57 54.11 -14.64 4.29
N ILE B 58 55.04 -15.12 3.48
CA ILE B 58 54.68 -15.76 2.22
C ILE B 58 54.02 -17.12 2.42
N THR B 59 54.00 -17.60 3.67
CA THR B 59 53.31 -18.84 3.99
C THR B 59 51.88 -18.56 4.41
N ASN B 60 51.57 -17.29 4.62
CA ASN B 60 50.22 -16.86 4.99
C ASN B 60 49.30 -16.79 3.77
N VAL B 61 48.04 -17.14 3.96
CA VAL B 61 47.06 -17.10 2.88
C VAL B 61 46.76 -15.65 2.49
N VAL B 62 46.72 -15.40 1.18
CA VAL B 62 46.34 -14.09 0.68
C VAL B 62 44.93 -14.14 0.11
N ILE B 63 44.02 -13.40 0.73
CA ILE B 63 42.64 -13.34 0.27
C ILE B 63 42.52 -12.41 -0.93
N ILE B 64 42.01 -12.93 -2.04
CA ILE B 64 41.83 -12.14 -3.24
C ILE B 64 40.36 -11.76 -3.41
N ILE B 65 40.08 -10.46 -3.42
CA ILE B 65 38.71 -9.97 -3.38
C ILE B 65 38.18 -9.56 -4.75
N VAL B 66 37.12 -10.22 -5.19
CA VAL B 66 36.52 -9.95 -6.49
C VAL B 66 35.23 -9.15 -6.34
N GLY B 67 35.09 -8.12 -7.19
CA GLY B 67 33.91 -7.27 -7.15
C GLY B 67 32.65 -7.97 -7.59
N SER B 68 31.55 -7.69 -6.90
CA SER B 68 30.26 -8.29 -7.21
C SER B 68 29.29 -7.24 -7.74
N GLY B 69 29.74 -5.99 -7.79
CA GLY B 69 28.91 -4.89 -8.25
C GLY B 69 28.36 -4.08 -7.10
N PRO B 70 27.56 -3.06 -7.41
CA PRO B 70 26.96 -2.20 -6.37
C PRO B 70 26.02 -2.98 -5.46
N ALA B 71 25.84 -2.50 -4.23
CA ALA B 71 24.83 -3.07 -3.34
C ALA B 71 23.47 -2.91 -4.00
N THR B 72 22.65 -3.94 -3.91
CA THR B 72 21.36 -3.94 -4.62
C THR B 72 20.18 -4.17 -3.70
N LYS B 73 18.99 -3.86 -4.22
CA LYS B 73 17.73 -4.09 -3.52
C LYS B 73 16.69 -4.59 -4.51
N ASP B 74 15.77 -5.43 -4.02
CA ASP B 74 14.61 -5.80 -4.81
C ASP B 74 13.57 -4.70 -4.68
N ILE B 75 13.11 -4.19 -5.82
CA ILE B 75 12.13 -3.11 -5.80
C ILE B 75 10.79 -3.58 -5.22
N PRO B 76 10.35 -2.94 -4.14
CA PRO B 76 9.09 -3.29 -3.49
C PRO B 76 7.88 -2.87 -4.33
N ASP B 77 6.76 -3.55 -4.13
CA ASP B 77 5.53 -3.24 -4.84
C ASP B 77 4.80 -2.08 -4.15
N VAL B 78 4.53 -1.02 -4.90
CA VAL B 78 3.86 0.14 -4.35
C VAL B 78 2.57 0.47 -5.11
N ALA B 79 2.02 -0.52 -5.79
CA ALA B 79 0.79 -0.35 -6.55
C ALA B 79 -0.38 0.01 -5.64
N GLY B 80 -1.19 0.97 -6.07
CA GLY B 80 -2.33 1.41 -5.28
C GLY B 80 -2.00 2.51 -4.31
N GLN B 81 -0.70 2.69 -4.04
CA GLN B 81 -0.26 3.74 -3.13
C GLN B 81 -0.17 5.08 -3.86
N THR B 82 -0.52 6.17 -3.18
CA THR B 82 -0.35 7.49 -3.76
C THR B 82 1.13 7.75 -3.96
N VAL B 83 1.45 8.67 -4.87
CA VAL B 83 2.84 9.01 -5.18
C VAL B 83 3.61 9.40 -3.93
N ASP B 84 2.96 10.16 -3.05
CA ASP B 84 3.59 10.59 -1.81
C ASP B 84 3.93 9.42 -0.90
N VAL B 85 2.97 8.51 -0.72
CA VAL B 85 3.17 7.34 0.13
C VAL B 85 4.16 6.36 -0.50
N ALA B 86 4.06 6.17 -1.82
CA ALA B 86 4.93 5.26 -2.54
C ALA B 86 6.40 5.66 -2.43
N GLN B 87 6.66 6.96 -2.55
CA GLN B 87 8.03 7.47 -2.47
C GLN B 87 8.62 7.29 -1.09
N LYS B 88 7.81 7.53 -0.05
CA LYS B 88 8.28 7.41 1.32
C LYS B 88 8.55 5.94 1.65
N ASN B 89 7.75 5.04 1.07
CA ASN B 89 7.97 3.62 1.25
C ASN B 89 9.16 3.13 0.43
N LEU B 90 9.54 3.91 -0.58
CA LEU B 90 10.71 3.59 -1.39
C LEU B 90 11.96 4.14 -0.73
N ASN B 91 11.81 5.20 0.06
CA ASN B 91 12.92 5.79 0.80
C ASN B 91 13.50 4.82 1.83
N VAL B 92 12.64 4.02 2.45
CA VAL B 92 13.08 3.12 3.51
C VAL B 92 13.93 1.97 2.95
N TYR B 93 13.79 1.72 1.65
CA TYR B 93 14.63 0.72 0.98
C TYR B 93 15.90 1.36 0.44
N GLY B 94 16.02 2.67 0.60
CA GLY B 94 17.23 3.37 0.21
C GLY B 94 17.11 4.14 -1.09
N PHE B 95 15.98 4.02 -1.77
CA PHE B 95 15.75 4.74 -3.02
C PHE B 95 15.34 6.18 -2.77
N THR B 96 15.99 7.12 -3.46
CA THR B 96 15.72 8.54 -3.28
C THR B 96 15.48 9.28 -4.59
N LYS B 97 15.80 8.61 -5.70
CA LYS B 97 15.68 9.24 -7.03
C LYS B 97 14.48 8.71 -7.80
N PHE B 98 13.60 9.60 -8.23
CA PHE B 98 12.36 9.21 -8.86
C PHE B 98 12.00 10.01 -10.10
N SER B 99 11.32 9.35 -11.03
CA SER B 99 10.71 10.02 -12.19
C SER B 99 9.25 9.60 -12.27
N GLN B 100 8.42 10.45 -12.86
CA GLN B 100 6.98 10.18 -12.91
C GLN B 100 6.37 10.42 -14.29
N ALA B 101 5.38 9.61 -14.63
CA ALA B 101 4.61 9.81 -15.85
C ALA B 101 3.16 9.42 -15.61
N SER B 102 2.25 10.09 -16.31
CA SER B 102 0.82 9.82 -16.16
C SER B 102 0.37 8.70 -17.10
N VAL B 103 -0.52 7.85 -16.60
CA VAL B 103 -1.03 6.73 -17.40
C VAL B 103 -2.55 6.62 -17.29
N ASP B 104 -3.17 6.13 -18.36
CA ASP B 104 -4.59 5.82 -18.34
C ASP B 104 -4.84 4.69 -17.34
N SER B 105 -5.75 4.89 -16.40
CA SER B 105 -5.99 3.90 -15.37
C SER B 105 -7.33 4.10 -14.66
N PRO B 106 -7.99 3.00 -14.29
CA PRO B 106 -9.21 3.02 -13.48
C PRO B 106 -8.91 3.29 -12.00
N ARG B 107 -7.64 3.13 -11.60
CA ARG B 107 -7.23 3.47 -10.25
C ARG B 107 -7.47 4.95 -9.97
N PRO B 108 -7.75 5.30 -8.71
CA PRO B 108 -7.89 6.71 -8.32
C PRO B 108 -6.68 7.54 -8.73
N ALA B 109 -6.92 8.79 -9.14
CA ALA B 109 -5.86 9.67 -9.59
C ALA B 109 -4.80 9.88 -8.51
N GLY B 110 -3.54 9.71 -8.88
CA GLY B 110 -2.45 9.89 -7.94
C GLY B 110 -1.85 8.58 -7.45
N GLU B 111 -2.57 7.48 -7.67
CA GLU B 111 -2.08 6.18 -7.26
C GLU B 111 -1.11 5.60 -8.28
N VAL B 112 -0.03 4.99 -7.79
CA VAL B 112 0.94 4.34 -8.66
C VAL B 112 0.37 3.04 -9.20
N THR B 113 0.42 2.88 -10.52
CA THR B 113 -0.06 1.65 -11.15
C THR B 113 1.04 0.60 -11.19
N GLY B 114 2.28 1.08 -11.21
CA GLY B 114 3.45 0.21 -11.27
C GLY B 114 4.68 1.07 -11.48
N THR B 115 5.86 0.43 -11.48
CA THR B 115 7.11 1.17 -11.61
C THR B 115 7.97 0.66 -12.75
N ASN B 116 8.96 1.46 -13.13
CA ASN B 116 9.96 1.05 -14.11
C ASN B 116 11.36 1.40 -13.60
N PRO B 117 12.19 0.39 -13.30
CA PRO B 117 11.95 -1.06 -13.39
C PRO B 117 10.85 -1.55 -12.46
N PRO B 118 10.14 -2.62 -12.86
CA PRO B 118 8.97 -3.12 -12.12
C PRO B 118 9.34 -3.71 -10.76
N ALA B 119 8.33 -3.90 -9.92
CA ALA B 119 8.52 -4.50 -8.60
C ALA B 119 9.13 -5.89 -8.71
N GLY B 120 10.05 -6.21 -7.82
CA GLY B 120 10.69 -7.51 -7.82
C GLY B 120 11.97 -7.54 -8.63
N THR B 121 12.26 -6.43 -9.30
CA THR B 121 13.49 -6.31 -10.08
C THR B 121 14.64 -5.91 -9.18
N THR B 122 15.80 -6.56 -9.37
CA THR B 122 16.99 -6.23 -8.61
C THR B 122 17.76 -5.09 -9.28
N VAL B 123 17.86 -3.97 -8.59
CA VAL B 123 18.53 -2.79 -9.11
C VAL B 123 19.53 -2.24 -8.10
N PRO B 124 20.53 -1.49 -8.57
CA PRO B 124 21.47 -0.83 -7.65
C PRO B 124 20.78 0.06 -6.63
N VAL B 125 21.30 0.10 -5.40
CA VAL B 125 20.72 0.92 -4.35
C VAL B 125 20.75 2.40 -4.74
N ASP B 126 19.60 3.05 -4.57
CA ASP B 126 19.43 4.46 -4.91
C ASP B 126 19.77 4.74 -6.38
N SER B 127 19.26 3.87 -7.26
CA SER B 127 19.22 4.17 -8.68
C SER B 127 17.87 4.83 -8.96
N VAL B 128 17.67 5.31 -10.18
CA VAL B 128 16.42 5.99 -10.52
C VAL B 128 15.27 5.00 -10.71
N ILE B 129 14.17 5.26 -10.01
CA ILE B 129 12.95 4.47 -10.18
C ILE B 129 11.84 5.34 -10.77
N GLU B 130 11.31 4.92 -11.91
CA GLU B 130 10.25 5.67 -12.57
C GLU B 130 8.88 5.19 -12.10
N LEU B 131 7.98 6.13 -11.84
CA LEU B 131 6.66 5.81 -11.32
C LEU B 131 5.55 6.11 -12.32
N GLN B 132 4.72 5.11 -12.60
CA GLN B 132 3.55 5.32 -13.46
C GLN B 132 2.36 5.73 -12.61
N VAL B 133 1.86 6.95 -12.84
CA VAL B 133 0.82 7.52 -12.00
C VAL B 133 -0.54 7.54 -12.70
N SER B 134 -1.55 7.04 -12.01
CA SER B 134 -2.91 6.97 -12.56
C SER B 134 -3.52 8.35 -12.77
N LYS B 135 -4.16 8.54 -13.91
CA LYS B 135 -4.87 9.78 -14.20
C LYS B 135 -6.30 9.71 -13.67
N GLY B 136 -6.73 8.50 -13.30
CA GLY B 136 -8.06 8.28 -12.79
C GLY B 136 -9.13 8.65 -13.80
N ASN B 137 -8.90 8.29 -15.05
CA ASN B 137 -9.79 8.67 -16.14
C ASN B 137 -10.51 7.48 -16.76
N GLN B 138 -10.36 6.31 -16.16
CA GLN B 138 -10.96 5.10 -16.70
C GLN B 138 -11.94 4.43 -15.76
N PHE B 139 -12.83 3.63 -16.34
CA PHE B 139 -13.66 2.71 -15.56
C PHE B 139 -13.41 1.30 -16.06
N VAL B 140 -13.67 0.31 -15.22
CA VAL B 140 -13.51 -1.08 -15.62
C VAL B 140 -14.68 -1.54 -16.47
N MET B 141 -14.39 -2.01 -17.68
CA MET B 141 -15.42 -2.46 -18.61
C MET B 141 -16.19 -3.65 -18.06
N PRO B 142 -17.52 -3.53 -17.96
CA PRO B 142 -18.37 -4.61 -17.47
C PRO B 142 -18.71 -5.62 -18.57
N ASP B 143 -19.20 -6.79 -18.17
CA ASP B 143 -19.63 -7.80 -19.13
C ASP B 143 -21.05 -7.47 -19.57
N LEU B 144 -21.21 -7.09 -20.84
CA LEU B 144 -22.52 -6.67 -21.34
C LEU B 144 -23.19 -7.74 -22.20
N SER B 145 -22.52 -8.89 -22.34
CA SER B 145 -23.02 -9.97 -23.19
C SER B 145 -24.37 -10.49 -22.73
N GLY B 146 -25.35 -10.46 -23.64
CA GLY B 146 -26.66 -10.99 -23.36
C GLY B 146 -27.67 -9.94 -22.89
N MET B 147 -27.17 -8.74 -22.61
CA MET B 147 -28.04 -7.67 -22.13
C MET B 147 -28.72 -6.93 -23.26
N PHE B 148 -29.92 -6.40 -22.99
CA PHE B 148 -30.54 -5.45 -23.90
C PHE B 148 -29.76 -4.14 -23.81
N TRP B 149 -29.88 -3.31 -24.84
CA TRP B 149 -29.19 -2.02 -24.83
C TRP B 149 -29.81 -1.09 -23.79
N VAL B 150 -31.10 -1.29 -23.51
CA VAL B 150 -31.83 -0.45 -22.57
C VAL B 150 -31.37 -0.71 -21.13
N ASP B 151 -30.70 -1.84 -20.91
CA ASP B 151 -30.17 -2.18 -19.60
C ASP B 151 -28.67 -1.92 -19.52
N ALA B 152 -27.98 -2.17 -20.64
CA ALA B 152 -26.54 -2.04 -20.70
C ALA B 152 -26.10 -0.59 -20.63
N GLU B 153 -26.83 0.29 -21.32
CA GLU B 153 -26.47 1.70 -21.37
C GLU B 153 -26.48 2.41 -20.01
N PRO B 154 -27.56 2.23 -19.20
CA PRO B 154 -27.50 2.88 -17.89
C PRO B 154 -26.41 2.29 -16.99
N ARG B 155 -26.13 1.00 -17.16
CA ARG B 155 -25.07 0.35 -16.42
C ARG B 155 -23.70 0.93 -16.80
N LEU B 156 -23.51 1.17 -18.09
CA LEU B 156 -22.29 1.78 -18.58
C LEU B 156 -22.12 3.20 -18.03
N ARG B 157 -23.18 3.99 -18.12
CA ARG B 157 -23.11 5.39 -17.71
C ARG B 157 -23.10 5.56 -16.20
N ALA B 158 -23.49 4.52 -15.48
CA ALA B 158 -23.37 4.52 -14.03
C ALA B 158 -21.91 4.39 -13.63
N LEU B 159 -21.11 3.81 -14.52
CA LEU B 159 -19.69 3.63 -14.29
C LEU B 159 -18.90 4.88 -14.65
N GLY B 160 -19.56 5.83 -15.32
CA GLY B 160 -18.93 7.09 -15.66
C GLY B 160 -18.70 7.27 -17.16
N TRP B 161 -19.24 6.35 -17.95
CA TRP B 161 -19.06 6.40 -19.40
C TRP B 161 -19.75 7.61 -20.01
N THR B 162 -18.95 8.52 -20.54
CA THR B 162 -19.48 9.70 -21.24
C THR B 162 -19.02 9.67 -22.69
N GLY B 163 -18.90 8.48 -23.24
CA GLY B 163 -18.39 8.29 -24.59
C GLY B 163 -19.44 7.87 -25.59
N MET B 164 -18.97 7.45 -26.77
CA MET B 164 -19.84 7.15 -27.90
C MET B 164 -19.80 5.67 -28.27
N LEU B 165 -20.57 5.30 -29.29
CA LEU B 165 -20.60 3.93 -29.78
C LEU B 165 -19.94 3.78 -31.16
N ASP B 166 -19.44 2.58 -31.43
CA ASP B 166 -19.01 2.23 -32.78
C ASP B 166 -19.90 1.11 -33.31
N LYS B 167 -21.19 1.41 -33.39
CA LYS B 167 -22.19 0.44 -33.81
C LYS B 167 -22.44 0.52 -35.31
N ARG B 180 -30.20 -7.63 -28.20
CA ARG B 180 -29.25 -7.86 -27.12
C ARG B 180 -27.83 -7.47 -27.54
N VAL B 181 -26.84 -7.92 -26.77
CA VAL B 181 -25.44 -7.64 -27.09
C VAL B 181 -24.70 -8.93 -27.43
N VAL B 182 -24.13 -8.98 -28.63
CA VAL B 182 -23.45 -10.18 -29.10
C VAL B 182 -21.95 -9.96 -29.29
N TYR B 183 -21.50 -8.73 -29.08
CA TYR B 183 -20.07 -8.41 -29.13
C TYR B 183 -19.78 -7.09 -28.42
N GLN B 184 -18.62 -7.03 -27.76
CA GLN B 184 -18.19 -5.80 -27.13
C GLN B 184 -16.68 -5.62 -27.22
N ASN B 185 -16.25 -4.37 -27.35
CA ASN B 185 -14.83 -4.02 -27.27
C ASN B 185 -14.70 -2.65 -26.61
N PRO B 186 -13.84 -2.52 -25.60
CA PRO B 186 -12.92 -3.55 -25.06
C PRO B 186 -13.63 -4.67 -24.30
N PRO B 187 -12.95 -5.82 -24.14
CA PRO B 187 -13.54 -6.94 -23.40
C PRO B 187 -13.75 -6.60 -21.93
N ALA B 188 -14.58 -7.40 -21.25
CA ALA B 188 -14.87 -7.16 -19.84
C ALA B 188 -13.61 -7.26 -18.99
N GLY B 189 -13.50 -6.35 -18.02
CA GLY B 189 -12.33 -6.32 -17.15
C GLY B 189 -11.29 -5.30 -17.58
N THR B 190 -11.31 -4.95 -18.86
CA THR B 190 -10.34 -4.00 -19.41
C THR B 190 -10.68 -2.56 -19.00
N GLY B 191 -9.66 -1.82 -18.57
CA GLY B 191 -9.84 -0.42 -18.27
C GLY B 191 -10.08 0.38 -19.54
N VAL B 192 -11.04 1.27 -19.48
CA VAL B 192 -11.44 2.10 -20.60
C VAL B 192 -11.74 3.56 -20.27
N ASN B 193 -11.17 4.48 -21.04
CA ASN B 193 -11.40 5.89 -20.78
C ASN B 193 -12.90 6.22 -20.72
N ARG B 194 -13.27 7.13 -19.82
CA ARG B 194 -14.66 7.52 -19.69
C ARG B 194 -15.17 8.16 -20.97
N ASP B 195 -14.34 9.00 -21.58
CA ASP B 195 -14.68 9.63 -22.84
C ASP B 195 -14.36 8.71 -24.02
N GLY B 196 -14.00 7.47 -23.71
CA GLY B 196 -13.60 6.51 -24.73
C GLY B 196 -14.76 5.99 -25.55
N ILE B 197 -14.43 5.47 -26.72
CA ILE B 197 -15.44 4.90 -27.61
C ILE B 197 -15.59 3.39 -27.36
N ILE B 198 -16.83 2.94 -27.24
CA ILE B 198 -17.13 1.53 -27.02
C ILE B 198 -17.76 0.91 -28.26
N THR B 199 -17.24 -0.23 -28.70
CA THR B 199 -17.76 -0.93 -29.86
C THR B 199 -18.74 -2.02 -29.47
N LEU B 200 -20.01 -1.85 -29.82
CA LEU B 200 -21.03 -2.83 -29.52
C LEU B 200 -21.74 -3.30 -30.78
N ARG B 201 -21.98 -4.61 -30.86
CA ARG B 201 -22.80 -5.18 -31.92
C ARG B 201 -23.99 -5.90 -31.31
N PHE B 202 -25.15 -5.76 -31.94
CA PHE B 202 -26.40 -6.23 -31.34
C PHE B 202 -27.03 -7.37 -32.12
N GLY B 203 -27.49 -8.39 -31.40
CA GLY B 203 -28.12 -9.54 -32.01
C GLY B 203 -29.23 -10.10 -31.13
#